data_6GN5
#
_entry.id   6GN5
#
_cell.length_a   31.320
_cell.length_b   73.850
_cell.length_c   45.340
_cell.angle_alpha   90.000
_cell.angle_beta   99.310
_cell.angle_gamma   90.000
#
_symmetry.space_group_name_H-M   'P 1 21 1'
#
loop_
_entity.id
_entity.type
_entity.pdbx_description
1 polymer 'GRAM domain-containing protein 1C'
2 non-polymer (4S)-2-METHYL-2,4-PENTANEDIOL
3 water water
#
_entity_poly.entity_id   1
_entity_poly.type   'polypeptide(L)'
_entity_poly.pdbx_seq_one_letter_code
;GPLGSENVPEKDLHGRLFINRIFHISADR(MSE)FELLFTSSRF(MSE)QKFASSRNIIDVVSTPWTAELGGDQLRT
(MSE)TYTIVLNSPLTGKCTAATEKQTLYKESREARFYLVDSEVLTHDVPYHDYFYTVNRYCIIRSSKQKCRLRVSTDLK
YRKQPWGLVKSLIEKNSWSSLEDYFKQLESDLLIEESVLNQAIEDPG
;
_entity_poly.pdbx_strand_id   A
#
loop_
_chem_comp.id
_chem_comp.type
_chem_comp.name
_chem_comp.formula
MPD non-polymer (4S)-2-METHYL-2,4-PENTANEDIOL 'C6 H14 O2'
#
# COMPACT_ATOMS: atom_id res chain seq x y z
N LYS A 11 14.72 1.58 -8.34
CA LYS A 11 14.28 0.19 -8.22
C LYS A 11 15.09 -0.54 -7.15
N ASP A 12 14.49 -1.60 -6.61
CA ASP A 12 15.20 -2.60 -5.84
C ASP A 12 14.83 -3.97 -6.38
N LEU A 13 15.36 -5.01 -5.75
CA LEU A 13 15.17 -6.35 -6.29
C LEU A 13 13.72 -6.82 -6.21
N HIS A 14 12.89 -6.15 -5.40
CA HIS A 14 11.49 -6.51 -5.26
C HIS A 14 10.59 -5.89 -6.32
N GLY A 15 10.88 -4.66 -6.74
CA GLY A 15 10.07 -4.02 -7.76
C GLY A 15 10.42 -2.55 -7.90
N ARG A 16 9.48 -1.79 -8.45
CA ARG A 16 9.70 -0.37 -8.61
C ARG A 16 9.66 0.30 -7.25
N LEU A 17 10.69 1.09 -6.95
CA LEU A 17 10.79 1.80 -5.69
C LEU A 17 10.06 3.12 -5.87
N PHE A 18 8.95 3.30 -5.16
CA PHE A 18 8.18 4.52 -5.29
C PHE A 18 8.47 5.53 -4.19
N ILE A 19 8.81 5.08 -2.99
CA ILE A 19 9.10 5.95 -1.86
C ILE A 19 10.36 5.45 -1.19
N ASN A 20 11.27 6.39 -0.89
CA ASN A 20 12.46 6.09 -0.11
C ASN A 20 12.85 7.41 0.54
N ARG A 21 12.27 7.69 1.70
CA ARG A 21 12.33 9.04 2.24
C ARG A 21 12.36 9.00 3.76
N ILE A 22 13.18 9.89 4.34
CA ILE A 22 13.19 10.15 5.78
C ILE A 22 12.02 11.06 6.14
N PHE A 23 11.24 10.66 7.13
CA PHE A 23 10.16 11.46 7.68
C PHE A 23 10.41 11.68 9.16
N HIS A 24 10.12 12.90 9.63
CA HIS A 24 10.26 13.23 11.05
C HIS A 24 9.01 12.77 11.83
N ILE A 25 8.74 11.48 11.69
CA ILE A 25 7.67 10.77 12.37
C ILE A 25 8.33 9.51 12.92
N SER A 26 7.98 9.12 14.16
CA SER A 26 8.60 7.92 14.69
C SER A 26 8.16 6.68 13.92
N ALA A 27 9.00 5.64 13.98
CA ALA A 27 8.64 4.38 13.32
C ALA A 27 7.28 3.86 13.78
N ASP A 28 7.03 3.88 15.10
CA ASP A 28 5.75 3.38 15.61
C ASP A 28 4.58 4.24 15.13
N ARG A 29 4.76 5.57 15.11
CA ARG A 29 3.69 6.42 14.63
CA ARG A 29 3.70 6.44 14.62
C ARG A 29 3.44 6.21 13.14
N MSE A 30 4.49 5.98 12.36
CA MSE A 30 4.32 5.72 10.93
C MSE A 30 3.53 4.46 10.72
O MSE A 30 2.65 4.42 9.84
CB MSE A 30 5.70 5.64 10.25
CG MSE A 30 5.62 5.36 8.77
SE MSE A 30 4.79 6.85 7.76
CE MSE A 30 6.35 8.02 7.69
N PHE A 31 3.82 3.40 11.48
CA PHE A 31 3.00 2.19 11.37
C PHE A 31 1.55 2.49 11.67
N GLU A 32 1.29 3.25 12.73
CA GLU A 32 -0.08 3.58 13.10
CA GLU A 32 -0.08 3.57 13.09
C GLU A 32 -0.77 4.37 12.00
N LEU A 33 -0.05 5.33 11.39
CA LEU A 33 -0.66 6.14 10.34
C LEU A 33 -1.11 5.28 9.18
N LEU A 34 -0.27 4.35 8.74
CA LEU A 34 -0.53 3.64 7.49
C LEU A 34 -1.31 2.34 7.66
N PHE A 35 -1.24 1.70 8.83
CA PHE A 35 -1.67 0.31 8.98
C PHE A 35 -2.71 0.12 10.08
N THR A 36 -3.33 1.21 10.54
CA THR A 36 -4.49 1.14 11.41
C THR A 36 -5.53 2.08 10.82
N SER A 37 -6.72 2.12 11.43
CA SER A 37 -7.80 2.99 10.97
C SER A 37 -7.62 4.40 11.50
N SER A 38 -6.53 5.04 11.06
CA SER A 38 -6.11 6.33 11.56
C SER A 38 -6.89 7.46 10.87
N ARG A 39 -6.87 8.63 11.53
CA ARG A 39 -7.39 9.85 10.90
C ARG A 39 -6.72 10.09 9.56
N PHE A 40 -5.38 9.95 9.53
CA PHE A 40 -4.64 10.13 8.29
C PHE A 40 -5.18 9.23 7.19
N MSE A 41 -5.40 7.96 7.50
CA MSE A 41 -5.86 7.01 6.49
CA MSE A 41 -5.86 7.03 6.47
C MSE A 41 -7.30 7.26 6.05
O MSE A 41 -7.65 7.10 4.88
CB MSE A 41 -5.72 5.58 6.99
CB MSE A 41 -5.63 5.57 6.88
CG MSE A 41 -5.99 4.55 5.93
CG MSE A 41 -4.30 4.97 6.42
SE MSE A 41 -4.97 4.82 4.29
SE MSE A 41 -3.78 5.31 4.56
CE MSE A 41 -3.20 4.94 5.06
CE MSE A 41 -5.44 4.80 3.70
N GLN A 42 -8.15 7.66 7.00
CA GLN A 42 -9.52 8.02 6.64
C GLN A 42 -9.51 9.17 5.63
N LYS A 43 -8.72 10.19 5.89
CA LYS A 43 -8.65 11.33 4.98
CA LYS A 43 -8.63 11.34 4.99
C LYS A 43 -7.98 10.95 3.67
N PHE A 44 -6.91 10.16 3.72
CA PHE A 44 -6.21 9.79 2.49
C PHE A 44 -7.08 8.92 1.60
N ALA A 45 -7.72 7.90 2.17
CA ALA A 45 -8.57 7.03 1.37
C ALA A 45 -9.69 7.82 0.72
N SER A 46 -10.37 8.67 1.49
CA SER A 46 -11.45 9.48 0.93
C SER A 46 -10.93 10.37 -0.21
N SER A 47 -9.74 10.94 -0.06
CA SER A 47 -9.21 11.82 -1.09
C SER A 47 -8.88 11.07 -2.38
N ARG A 48 -8.58 9.76 -2.28
CA ARG A 48 -8.33 8.92 -3.43
C ARG A 48 -9.60 8.26 -3.96
N ASN A 49 -10.76 8.62 -3.43
CA ASN A 49 -12.05 8.04 -3.85
C ASN A 49 -12.09 6.54 -3.60
N ILE A 50 -11.46 6.11 -2.50
CA ILE A 50 -11.56 4.76 -1.98
C ILE A 50 -12.62 4.80 -0.88
N ILE A 51 -13.67 3.97 -1.02
CA ILE A 51 -14.83 4.00 -0.15
C ILE A 51 -15.09 2.60 0.42
N ASP A 52 -15.93 2.55 1.45
CA ASP A 52 -16.35 1.29 2.08
C ASP A 52 -15.17 0.46 2.55
N VAL A 53 -14.20 1.12 3.20
CA VAL A 53 -13.04 0.40 3.71
C VAL A 53 -13.44 -0.45 4.90
N VAL A 54 -13.10 -1.74 4.84
CA VAL A 54 -13.34 -2.68 5.92
C VAL A 54 -12.05 -3.44 6.15
N SER A 55 -11.60 -3.52 7.40
CA SER A 55 -10.38 -4.23 7.74
C SER A 55 -10.64 -5.21 8.87
N THR A 56 -10.10 -6.42 8.74
CA THR A 56 -10.09 -7.34 9.87
C THR A 56 -8.98 -6.93 10.84
N PRO A 57 -9.05 -7.38 12.09
CA PRO A 57 -7.99 -7.02 13.04
C PRO A 57 -6.70 -7.71 12.66
N TRP A 58 -5.58 -7.05 12.95
CA TRP A 58 -4.29 -7.71 12.83
C TRP A 58 -4.27 -8.93 13.75
N THR A 59 -4.04 -10.10 13.18
CA THR A 59 -4.19 -11.36 13.89
C THR A 59 -2.94 -12.22 13.72
N ALA A 60 -2.40 -12.70 14.83
CA ALA A 60 -1.21 -13.53 14.76
C ALA A 60 -1.54 -14.91 14.21
N GLU A 61 -0.63 -15.42 13.40
CA GLU A 61 -0.68 -16.82 12.97
C GLU A 61 0.46 -17.58 13.63
N LEU A 62 0.41 -18.90 13.44
N LEU A 62 0.51 -18.90 13.39
CA LEU A 62 1.49 -19.79 13.84
CA LEU A 62 1.35 -19.79 14.19
C LEU A 62 2.75 -19.41 13.08
C LEU A 62 2.81 -19.34 14.27
N GLY A 63 3.83 -19.21 13.81
N GLY A 63 3.43 -18.99 13.14
CA GLY A 63 5.06 -18.68 13.28
CA GLY A 63 4.85 -18.69 13.14
C GLY A 63 5.35 -17.26 13.72
C GLY A 63 5.26 -17.33 13.66
N GLY A 64 4.30 -16.47 13.97
CA GLY A 64 4.53 -15.14 14.49
C GLY A 64 4.24 -13.99 13.52
N ASP A 65 3.97 -14.26 12.25
CA ASP A 65 3.51 -13.18 11.40
C ASP A 65 2.11 -12.76 11.84
N GLN A 66 1.75 -11.52 11.52
CA GLN A 66 0.41 -11.02 11.79
C GLN A 66 -0.27 -10.68 10.47
N LEU A 67 -1.54 -11.04 10.34
CA LEU A 67 -2.24 -10.92 9.06
C LEU A 67 -3.48 -10.06 9.24
N ARG A 68 -3.85 -9.35 8.17
CA ARG A 68 -5.20 -8.82 8.10
C ARG A 68 -5.61 -8.69 6.65
N THR A 69 -6.91 -8.63 6.44
CA THR A 69 -7.50 -8.48 5.12
C THR A 69 -8.29 -7.18 5.10
N MSE A 70 -8.16 -6.43 4.03
CA MSE A 70 -8.96 -5.23 3.80
C MSE A 70 -9.76 -5.42 2.53
O MSE A 70 -9.28 -6.03 1.57
CB MSE A 70 -8.07 -4.02 3.61
CG MSE A 70 -6.93 -3.88 4.61
SE MSE A 70 -5.87 -2.32 4.18
CE MSE A 70 -7.29 -1.02 4.17
N THR A 71 -10.98 -4.91 2.51
CA THR A 71 -11.71 -4.74 1.27
C THR A 71 -12.14 -3.29 1.16
N TYR A 72 -12.31 -2.84 -0.08
CA TYR A 72 -12.76 -1.48 -0.34
C TYR A 72 -13.23 -1.40 -1.78
N THR A 73 -13.85 -0.28 -2.11
CA THR A 73 -14.29 0.01 -3.47
C THR A 73 -13.56 1.25 -3.97
N ILE A 74 -12.94 1.14 -5.14
CA ILE A 74 -12.26 2.26 -5.77
C ILE A 74 -13.20 2.87 -6.78
N VAL A 75 -13.56 4.14 -6.59
CA VAL A 75 -14.44 4.85 -7.51
C VAL A 75 -13.57 5.43 -8.60
N LEU A 76 -13.74 4.92 -9.83
CA LEU A 76 -12.88 5.23 -10.95
C LEU A 76 -13.48 6.27 -11.89
N ASN A 77 -14.78 6.19 -12.16
CA ASN A 77 -15.45 7.09 -13.10
C ASN A 77 -14.70 7.19 -14.43
N SER A 78 -14.07 6.10 -14.83
CA SER A 78 -13.21 6.13 -16.00
C SER A 78 -13.87 5.41 -17.17
N PRO A 79 -13.72 5.93 -18.39
CA PRO A 79 -14.22 5.20 -19.55
C PRO A 79 -13.35 4.03 -19.94
N LEU A 80 -12.13 3.96 -19.40
CA LEU A 80 -11.22 2.85 -19.66
C LEU A 80 -11.42 1.69 -18.69
N THR A 81 -11.62 1.97 -17.42
CA THR A 81 -11.67 0.93 -16.38
C THR A 81 -13.03 0.76 -15.75
N GLY A 82 -13.97 1.66 -15.97
CA GLY A 82 -15.34 1.51 -15.49
C GLY A 82 -15.66 2.49 -14.38
N LYS A 83 -16.90 2.39 -13.90
CA LYS A 83 -17.39 3.29 -12.86
C LYS A 83 -16.66 3.07 -11.54
N CYS A 84 -16.53 1.82 -11.12
CA CYS A 84 -15.90 1.47 -9.86
CA CYS A 84 -15.79 1.51 -9.91
C CYS A 84 -15.32 0.06 -9.96
N THR A 85 -14.51 -0.30 -8.97
CA THR A 85 -14.10 -1.69 -8.83
C THR A 85 -13.99 -2.03 -7.35
N ALA A 86 -14.45 -3.22 -7.00
CA ALA A 86 -14.10 -3.76 -5.70
C ALA A 86 -12.64 -4.19 -5.72
N ALA A 87 -12.03 -4.26 -4.54
CA ALA A 87 -10.66 -4.68 -4.38
C ALA A 87 -10.48 -5.38 -3.04
N THR A 88 -9.52 -6.29 -2.98
CA THR A 88 -9.14 -7.00 -1.76
CA THR A 88 -9.15 -6.94 -1.73
C THR A 88 -7.65 -6.80 -1.54
N GLU A 89 -7.26 -6.48 -0.32
CA GLU A 89 -5.86 -6.30 0.03
C GLU A 89 -5.53 -7.18 1.23
N LYS A 90 -4.64 -8.13 1.05
CA LYS A 90 -4.19 -8.99 2.13
C LYS A 90 -2.81 -8.51 2.57
N GLN A 91 -2.68 -8.23 3.86
CA GLN A 91 -1.45 -7.66 4.41
C GLN A 91 -0.81 -8.64 5.39
N THR A 92 0.51 -8.71 5.36
CA THR A 92 1.28 -9.54 6.28
C THR A 92 2.32 -8.67 6.96
N LEU A 93 2.24 -8.55 8.28
CA LEU A 93 3.24 -7.86 9.10
C LEU A 93 4.24 -8.92 9.55
N TYR A 94 5.47 -8.82 9.04
CA TYR A 94 6.44 -9.89 9.19
C TYR A 94 6.91 -10.03 10.64
N LYS A 95 7.09 -11.28 11.08
CA LYS A 95 7.53 -11.59 12.44
C LYS A 95 8.89 -10.98 12.77
N GLU A 96 9.70 -10.65 11.75
CA GLU A 96 10.99 -10.02 11.95
C GLU A 96 10.86 -8.56 12.38
N SER A 97 9.66 -7.99 12.30
CA SER A 97 9.43 -6.62 12.74
C SER A 97 9.66 -6.50 14.25
N ARG A 98 10.11 -5.32 14.67
CA ARG A 98 10.41 -5.03 16.06
C ARG A 98 9.83 -3.68 16.44
N GLU A 99 9.05 -3.65 17.50
CA GLU A 99 8.44 -2.42 17.99
C GLU A 99 9.49 -1.30 18.11
N ALA A 100 9.13 -0.13 17.60
CA ALA A 100 9.95 1.09 17.64
C ALA A 100 11.22 1.03 16.81
N ARG A 101 11.39 0.00 15.99
CA ARG A 101 12.66 -0.21 15.28
CA ARG A 101 12.66 -0.20 15.29
C ARG A 101 12.47 -0.53 13.81
N PHE A 102 11.57 -1.48 13.50
CA PHE A 102 11.49 -1.98 12.14
C PHE A 102 10.12 -2.61 11.92
N TYR A 103 9.42 -2.15 10.88
CA TYR A 103 8.20 -2.79 10.44
C TYR A 103 8.33 -3.17 8.97
N LEU A 104 7.91 -4.38 8.64
CA LEU A 104 7.85 -4.84 7.26
CA LEU A 104 7.84 -4.83 7.25
C LEU A 104 6.45 -5.39 7.01
N VAL A 105 5.72 -4.73 6.11
CA VAL A 105 4.39 -5.18 5.71
C VAL A 105 4.42 -5.47 4.22
N ASP A 106 4.02 -6.67 3.85
CA ASP A 106 3.77 -7.02 2.45
C ASP A 106 2.27 -6.99 2.21
N SER A 107 1.86 -6.45 1.08
CA SER A 107 0.45 -6.45 0.72
C SER A 107 0.27 -6.99 -0.69
N GLU A 108 -0.80 -7.75 -0.86
CA GLU A 108 -1.17 -8.31 -2.15
C GLU A 108 -2.55 -7.76 -2.47
N VAL A 109 -2.69 -7.06 -3.59
CA VAL A 109 -3.90 -6.34 -3.94
C VAL A 109 -4.50 -6.91 -5.22
N LEU A 110 -5.76 -7.33 -5.14
CA LEU A 110 -6.50 -7.86 -6.28
C LEU A 110 -7.67 -6.93 -6.56
N THR A 111 -7.86 -6.57 -7.83
CA THR A 111 -9.05 -5.85 -8.23
C THR A 111 -10.02 -6.81 -8.88
N HIS A 112 -11.31 -6.51 -8.74
CA HIS A 112 -12.36 -7.47 -9.09
C HIS A 112 -13.03 -7.18 -10.42
N ASP A 113 -13.11 -5.90 -10.84
CA ASP A 113 -14.06 -5.51 -11.86
C ASP A 113 -13.46 -4.89 -13.10
N VAL A 114 -12.20 -4.45 -13.08
CA VAL A 114 -11.61 -3.73 -14.20
C VAL A 114 -11.31 -4.71 -15.34
N PRO A 115 -11.19 -4.24 -16.58
CA PRO A 115 -10.76 -5.14 -17.65
C PRO A 115 -9.44 -5.81 -17.28
N TYR A 116 -9.35 -7.11 -17.56
CA TYR A 116 -8.17 -7.92 -17.30
C TYR A 116 -7.89 -8.11 -15.80
N HIS A 117 -8.91 -7.89 -14.96
CA HIS A 117 -8.72 -8.03 -13.51
C HIS A 117 -8.19 -9.41 -13.13
N ASP A 118 -8.53 -10.44 -13.91
CA ASP A 118 -8.10 -11.81 -13.64
CA ASP A 118 -8.08 -11.80 -13.60
C ASP A 118 -6.66 -12.08 -14.07
N TYR A 119 -6.04 -11.15 -14.77
CA TYR A 119 -4.70 -11.38 -15.31
C TYR A 119 -3.60 -10.94 -14.37
N PHE A 120 -3.82 -9.87 -13.62
CA PHE A 120 -2.73 -9.20 -12.91
C PHE A 120 -3.14 -8.92 -11.47
N TYR A 121 -2.12 -8.65 -10.66
CA TYR A 121 -2.32 -8.17 -9.30
C TYR A 121 -1.05 -7.45 -8.90
N THR A 122 -1.09 -6.76 -7.77
CA THR A 122 0.07 -6.01 -7.32
C THR A 122 0.53 -6.50 -5.96
N VAL A 123 1.83 -6.45 -5.74
CA VAL A 123 2.42 -6.74 -4.45
C VAL A 123 3.23 -5.54 -4.02
N ASN A 124 2.92 -5.00 -2.85
CA ASN A 124 3.63 -3.85 -2.32
C ASN A 124 4.37 -4.25 -1.07
N ARG A 125 5.57 -3.74 -0.91
CA ARG A 125 6.35 -3.97 0.29
C ARG A 125 6.60 -2.64 0.95
N TYR A 126 6.19 -2.50 2.21
CA TYR A 126 6.38 -1.28 3.00
C TYR A 126 7.39 -1.58 4.10
N CYS A 127 8.46 -0.80 4.14
CA CYS A 127 9.52 -0.95 5.13
CA CYS A 127 9.50 -0.95 5.15
C CYS A 127 9.63 0.35 5.93
N ILE A 128 9.52 0.26 7.24
CA ILE A 128 9.63 1.40 8.16
C ILE A 128 10.83 1.12 9.07
N ILE A 129 11.84 1.99 9.04
CA ILE A 129 13.08 1.75 9.76
C ILE A 129 13.37 2.97 10.64
N ARG A 130 13.55 2.74 11.94
CA ARG A 130 13.91 3.82 12.85
C ARG A 130 15.20 4.51 12.42
N SER A 131 15.21 5.85 12.50
CA SER A 131 16.43 6.63 12.40
C SER A 131 16.80 7.22 13.75
N SER A 132 15.85 7.87 14.41
CA SER A 132 16.02 8.44 15.73
C SER A 132 14.68 8.34 16.46
N LYS A 133 14.59 8.92 17.66
CA LYS A 133 13.39 8.75 18.47
C LYS A 133 12.13 9.15 17.73
N GLN A 134 12.18 10.24 16.96
CA GLN A 134 10.98 10.75 16.28
C GLN A 134 11.22 10.89 14.78
N LYS A 135 11.97 9.95 14.20
CA LYS A 135 12.29 10.02 12.78
C LYS A 135 12.51 8.60 12.26
N CYS A 136 12.07 8.36 11.02
CA CYS A 136 12.19 7.04 10.43
C CYS A 136 12.39 7.19 8.92
N ARG A 137 12.78 6.09 8.29
CA ARG A 137 12.77 5.96 6.84
C ARG A 137 11.59 5.09 6.42
N LEU A 138 10.84 5.53 5.42
CA LEU A 138 9.80 4.75 4.77
C LEU A 138 10.27 4.39 3.37
N ARG A 139 10.29 3.09 3.06
CA ARG A 139 10.59 2.60 1.73
C ARG A 139 9.38 1.81 1.24
N VAL A 140 8.90 2.11 0.03
CA VAL A 140 7.78 1.38 -0.55
C VAL A 140 8.17 0.96 -1.95
N SER A 141 8.05 -0.34 -2.23
CA SER A 141 8.31 -0.88 -3.55
CA SER A 141 8.35 -0.93 -3.53
C SER A 141 7.13 -1.72 -3.98
N THR A 142 6.85 -1.71 -5.28
CA THR A 142 5.67 -2.37 -5.83
C THR A 142 6.07 -3.20 -7.05
N ASP A 143 5.52 -4.41 -7.14
CA ASP A 143 5.69 -5.28 -8.30
CA ASP A 143 5.67 -5.15 -8.37
C ASP A 143 4.32 -5.54 -8.92
N LEU A 144 4.23 -5.54 -10.24
CA LEU A 144 3.01 -5.87 -10.96
C LEU A 144 3.19 -7.30 -11.45
N LYS A 145 2.37 -8.21 -10.94
CA LYS A 145 2.49 -9.64 -11.17
C LYS A 145 1.34 -10.15 -12.01
N TYR A 146 1.54 -11.33 -12.61
CA TYR A 146 0.58 -11.87 -13.56
C TYR A 146 0.19 -13.30 -13.22
N ARG A 147 -1.13 -13.52 -13.12
CA ARG A 147 -1.65 -14.88 -13.08
CA ARG A 147 -1.65 -14.88 -13.08
C ARG A 147 -1.79 -15.45 -14.49
N LYS A 148 -2.12 -14.61 -15.46
CA LYS A 148 -2.11 -14.97 -16.87
CA LYS A 148 -2.13 -14.96 -16.87
C LYS A 148 -1.28 -13.93 -17.60
N GLN A 149 -0.30 -14.39 -18.34
CA GLN A 149 0.57 -13.47 -19.06
C GLN A 149 -0.17 -12.86 -20.25
N PRO A 150 -0.44 -11.56 -20.27
CA PRO A 150 -0.89 -10.92 -21.50
C PRO A 150 0.32 -10.71 -22.40
N TRP A 151 0.05 -10.38 -23.65
CA TRP A 151 1.11 -10.24 -24.64
C TRP A 151 1.00 -8.89 -25.35
N GLY A 152 2.16 -8.36 -25.73
CA GLY A 152 2.19 -7.27 -26.69
C GLY A 152 1.41 -6.07 -26.22
N LEU A 153 0.50 -5.62 -27.10
CA LEU A 153 -0.19 -4.35 -26.86
C LEU A 153 -1.09 -4.42 -25.63
N VAL A 154 -1.71 -5.58 -25.38
CA VAL A 154 -2.53 -5.75 -24.18
C VAL A 154 -1.68 -5.59 -22.93
N LYS A 155 -0.53 -6.26 -22.90
CA LYS A 155 0.36 -6.13 -21.74
C LYS A 155 0.83 -4.69 -21.57
N SER A 156 1.22 -4.03 -22.67
CA SER A 156 1.70 -2.66 -22.57
C SER A 156 0.63 -1.74 -22.01
N LEU A 157 -0.65 -1.99 -22.34
CA LEU A 157 -1.75 -1.17 -21.84
C LEU A 157 -1.94 -1.38 -20.34
N ILE A 158 -1.94 -2.64 -19.90
CA ILE A 158 -2.04 -2.94 -18.47
C ILE A 158 -0.90 -2.29 -17.71
N GLU A 159 0.33 -2.43 -18.23
CA GLU A 159 1.50 -1.89 -17.55
C GLU A 159 1.45 -0.37 -17.48
N LYS A 160 1.22 0.29 -18.61
CA LYS A 160 1.27 1.74 -18.62
C LYS A 160 0.22 2.34 -17.68
N ASN A 161 -0.99 1.81 -17.72
CA ASN A 161 -2.04 2.36 -16.87
CA ASN A 161 -2.06 2.33 -16.87
C ASN A 161 -1.80 2.04 -15.40
N SER A 162 -1.34 0.83 -15.09
CA SER A 162 -1.09 0.47 -13.69
C SER A 162 0.04 1.29 -13.10
N TRP A 163 1.17 1.37 -13.81
CA TRP A 163 2.31 2.10 -13.29
C TRP A 163 2.00 3.58 -13.12
N SER A 164 1.26 4.16 -14.07
CA SER A 164 0.87 5.57 -13.95
C SER A 164 -0.02 5.80 -12.73
N SER A 165 -1.01 4.91 -12.52
CA SER A 165 -1.91 5.05 -11.38
C SER A 165 -1.15 4.90 -10.06
N LEU A 166 -0.24 3.92 -9.99
CA LEU A 166 0.55 3.71 -8.78
C LEU A 166 1.48 4.89 -8.50
N GLU A 167 2.10 5.44 -9.54
CA GLU A 167 2.97 6.59 -9.34
C GLU A 167 2.19 7.77 -8.77
N ASP A 168 0.98 8.01 -9.27
CA ASP A 168 0.17 9.10 -8.77
C ASP A 168 -0.24 8.87 -7.32
N TYR A 169 -0.66 7.65 -7.02
CA TYR A 169 -1.06 7.28 -5.66
C TYR A 169 0.07 7.51 -4.67
N PHE A 170 1.27 7.00 -4.98
CA PHE A 170 2.36 7.11 -4.01
C PHE A 170 2.92 8.52 -3.94
N LYS A 171 2.87 9.27 -5.05
CA LYS A 171 3.23 10.68 -5.00
C LYS A 171 2.33 11.41 -4.00
N GLN A 172 1.03 11.12 -4.02
CA GLN A 172 0.15 11.78 -3.08
C GLN A 172 0.35 11.27 -1.66
N LEU A 173 0.57 9.96 -1.48
CA LEU A 173 0.83 9.44 -0.14
C LEU A 173 2.04 10.14 0.48
N GLU A 174 3.12 10.28 -0.29
CA GLU A 174 4.31 10.94 0.18
C GLU A 174 4.03 12.40 0.55
N SER A 175 3.35 13.12 -0.35
CA SER A 175 3.00 14.51 -0.11
C SER A 175 2.15 14.66 1.15
N ASP A 176 1.15 13.80 1.30
CA ASP A 176 0.26 13.89 2.46
C ASP A 176 0.99 13.51 3.75
N LEU A 177 1.97 12.61 3.67
CA LEU A 177 2.76 12.31 4.86
C LEU A 177 3.65 13.49 5.25
N LEU A 178 4.15 14.26 4.27
CA LEU A 178 4.90 15.46 4.59
C LEU A 178 4.01 16.49 5.27
N ILE A 179 2.74 16.57 4.86
CA ILE A 179 1.79 17.45 5.54
C ILE A 179 1.54 16.98 6.97
N GLU A 180 1.34 15.68 7.16
CA GLU A 180 1.16 15.15 8.50
C GLU A 180 2.41 15.37 9.35
N GLU A 181 3.60 15.21 8.75
CA GLU A 181 4.85 15.51 9.44
C GLU A 181 4.84 16.93 10.00
N SER A 182 4.34 17.90 9.22
CA SER A 182 4.32 19.29 9.70
C SER A 182 3.43 19.43 10.93
N VAL A 183 2.30 18.72 10.96
CA VAL A 183 1.40 18.79 12.10
C VAL A 183 2.06 18.21 13.34
N LEU A 184 2.71 17.06 13.19
CA LEU A 184 3.28 16.35 14.32
C LEU A 184 4.46 17.07 14.93
N ASN A 185 5.15 17.91 14.16
CA ASN A 185 6.33 18.61 14.67
C ASN A 185 6.06 20.05 15.05
N GLN A 186 4.82 20.53 14.88
CA GLN A 186 4.49 21.89 15.34
C GLN A 186 4.76 22.03 16.83
N ALA A 187 4.38 21.02 17.62
CA ALA A 187 4.66 21.01 19.05
C ALA A 187 5.79 20.02 19.37
C1 MPD B . -0.82 3.28 2.88
C2 MPD B . -1.48 2.09 2.21
O2 MPD B . -1.14 2.16 0.79
CM MPD B . -0.92 0.79 2.79
C3 MPD B . -3.00 2.17 2.42
C4 MPD B . -3.76 1.05 1.72
O4 MPD B . -3.83 -0.08 2.56
C5 MPD B . -5.19 1.50 1.43
C1 MPD C . -4.86 1.10 -2.03
C2 MPD C . -4.60 0.69 -3.48
O2 MPD C . -4.80 -0.74 -3.56
CM MPD C . -5.60 1.38 -4.39
C3 MPD C . -3.18 1.04 -3.93
C4 MPD C . -2.09 0.44 -3.04
O4 MPD C . -2.22 -0.95 -2.96
C5 MPD C . -0.70 0.74 -3.61
C1 MPD D . -7.36 5.05 -8.19
C2 MPD D . -6.63 5.13 -6.85
O2 MPD D . -6.07 6.45 -6.66
CM MPD D . -7.59 4.86 -5.71
C3 MPD D . -5.53 4.07 -6.79
C4 MPD D . -4.62 4.11 -8.00
O4 MPD D . -4.04 5.40 -8.11
C5 MPD D . -3.53 3.05 -7.86
C1 MPD E . -3.52 -1.11 -7.67
C2 MPD E . -4.25 -1.04 -9.00
O2 MPD E . -3.40 -0.37 -9.96
CM MPD E . -4.55 -2.44 -9.53
C3 MPD E . -5.56 -0.27 -8.82
C4 MPD E . -6.03 0.46 -10.07
O4 MPD E . -5.24 0.12 -11.18
C5 MPD E . -7.49 0.14 -10.34
C1 MPD F . -7.44 -0.96 -18.56
C2 MPD F . -6.87 -1.74 -17.39
O2 MPD F . -7.97 -2.44 -16.75
CM MPD F . -5.88 -2.79 -17.91
C3 MPD F . -6.19 -0.81 -16.40
C4 MPD F . -5.99 -1.43 -15.02
O4 MPD F . -4.74 -1.01 -14.51
C5 MPD F . -7.07 -1.06 -14.03
#